data_8ELG
#
_entry.id   8ELG
#
_cell.length_a   50.926
_cell.length_b   81.550
_cell.length_c   110.533
_cell.angle_alpha   90.000
_cell.angle_beta   90.000
_cell.angle_gamma   90.000
#
_symmetry.space_group_name_H-M   'P 21 21 21'
#
loop_
_entity.id
_entity.type
_entity.pdbx_description
1 polymer 'heavy chain HLA-B*15:01'
2 polymer Beta-2-microglobulin
3 polymer 'NQK-OC43 peptide'
4 non-polymer 'ACETATE ION'
5 water water
#
loop_
_entity_poly.entity_id
_entity_poly.type
_entity_poly.pdbx_seq_one_letter_code
_entity_poly.pdbx_strand_id
1 'polypeptide(L)'
;GSHSMRYFYTAMSRPGRGEPRFIAVGYVDDTQFVRFDSDAASPRMAPRAPWIEQEGPEYWDRETQISKTNTQTYRESLRN
LRGYYNQSEAGSHTLQRMYGCDVGPDGRLLRGHDQSAYDGKDYIALNEDLSSWTAADTAAQITQRKWEAAREAEQWRAYL
EGLCVEWLRRYLENGKETLQRADPPKTHVTHHPISDHEATLRCWALGFYPAEITLTWQRDGEDQTQDTELVETRPAGDRT
FQKWAAVVVPSGEEQRYTCHVQHEGLPKPLTLRWEPSS
;
A
2 'polypeptide(L)'
;IQRTPKIQVYSRHPAENGKSNFLNCYVSGFHPSDIEVDLLKNGERIEKVEHSDLSFSKDWSFYLLYYTEFTPTEKDEYAC
RVNHVTLSQPKIVKWDRDM
;
B
3 'polypeptide(L)' NQKLIANAF C
#
# COMPACT_ATOMS: atom_id res chain seq x y z
N GLY A 1 5.19 17.55 9.99
CA GLY A 1 6.54 17.23 9.57
C GLY A 1 6.71 17.16 8.07
N SER A 2 7.31 16.08 7.60
N SER A 2 7.33 16.10 7.60
CA SER A 2 7.58 15.87 6.19
CA SER A 2 7.56 15.92 6.18
C SER A 2 6.42 15.14 5.52
C SER A 2 6.36 15.25 5.53
N HIS A 3 6.31 15.32 4.20
CA HIS A 3 5.18 14.79 3.45
C HIS A 3 5.64 14.29 2.11
N SER A 4 4.82 13.44 1.51
CA SER A 4 5.15 12.87 0.21
CA SER A 4 5.15 12.84 0.21
C SER A 4 3.92 12.83 -0.67
N MET A 5 4.16 12.94 -1.98
CA MET A 5 3.20 12.65 -3.03
C MET A 5 3.72 11.47 -3.83
N ARG A 6 2.87 10.51 -4.14
CA ARG A 6 3.30 9.39 -4.97
C ARG A 6 2.19 9.01 -5.94
N TYR A 7 2.58 8.66 -7.16
CA TYR A 7 1.70 7.97 -8.09
C TYR A 7 2.21 6.56 -8.28
N PHE A 8 1.27 5.61 -8.32
CA PHE A 8 1.59 4.19 -8.47
C PHE A 8 0.86 3.71 -9.72
N TYR A 9 1.63 3.28 -10.71
CA TYR A 9 1.08 2.77 -11.97
C TYR A 9 1.30 1.27 -12.07
N THR A 10 0.26 0.53 -12.46
CA THR A 10 0.38 -0.89 -12.75
C THR A 10 -0.21 -1.17 -14.11
N ALA A 11 0.56 -1.82 -14.99
CA ALA A 11 0.06 -2.28 -16.28
C ALA A 11 0.27 -3.78 -16.36
N MET A 12 -0.75 -4.49 -16.83
N MET A 12 -0.75 -4.53 -16.75
CA MET A 12 -0.79 -5.95 -16.79
CA MET A 12 -0.61 -5.99 -16.76
C MET A 12 -1.24 -6.45 -18.16
C MET A 12 -1.22 -6.55 -18.04
N SER A 13 -0.41 -7.23 -18.83
CA SER A 13 -0.90 -7.85 -20.06
C SER A 13 -1.68 -9.13 -19.73
N ARG A 14 -2.54 -9.52 -20.67
CA ARG A 14 -3.46 -10.63 -20.47
C ARG A 14 -3.81 -11.20 -21.85
N PRO A 15 -2.86 -11.85 -22.49
CA PRO A 15 -3.06 -12.29 -23.88
C PRO A 15 -4.30 -13.16 -24.02
N GLY A 16 -5.11 -12.84 -25.03
CA GLY A 16 -6.38 -13.51 -25.22
C GLY A 16 -7.52 -12.92 -24.44
N ARG A 17 -7.26 -11.94 -23.59
CA ARG A 17 -8.31 -11.30 -22.80
C ARG A 17 -8.26 -9.79 -22.97
N GLY A 18 -7.97 -9.34 -24.18
CA GLY A 18 -7.97 -7.93 -24.48
C GLY A 18 -6.61 -7.30 -24.31
N GLU A 19 -6.60 -5.98 -24.34
CA GLU A 19 -5.38 -5.21 -24.23
C GLU A 19 -4.98 -5.08 -22.76
N PRO A 20 -3.71 -4.78 -22.47
CA PRO A 20 -3.28 -4.69 -21.07
C PRO A 20 -4.08 -3.67 -20.27
N ARG A 21 -4.44 -4.07 -19.05
CA ARG A 21 -5.10 -3.16 -18.11
C ARG A 21 -4.09 -2.17 -17.55
N PHE A 22 -4.49 -0.91 -17.38
CA PHE A 22 -3.67 0.12 -16.75
C PHE A 22 -4.43 0.71 -15.58
N ILE A 23 -3.81 0.70 -14.40
CA ILE A 23 -4.37 1.30 -13.19
C ILE A 23 -3.39 2.33 -12.67
N ALA A 24 -3.91 3.46 -12.23
CA ALA A 24 -3.08 4.48 -11.60
C ALA A 24 -3.77 4.93 -10.32
N VAL A 25 -3.02 5.03 -9.23
CA VAL A 25 -3.54 5.62 -8.00
C VAL A 25 -2.56 6.69 -7.54
N GLY A 26 -3.08 7.74 -6.94
CA GLY A 26 -2.26 8.80 -6.38
C GLY A 26 -2.45 8.88 -4.88
N TYR A 27 -1.35 9.15 -4.16
CA TYR A 27 -1.35 9.25 -2.70
C TYR A 27 -0.67 10.53 -2.25
N VAL A 28 -1.18 11.13 -1.17
CA VAL A 28 -0.40 12.05 -0.36
C VAL A 28 -0.20 11.35 0.97
N ASP A 29 1.07 11.11 1.34
CA ASP A 29 1.35 10.29 2.52
C ASP A 29 0.59 8.98 2.42
N ASP A 30 -0.22 8.64 3.42
CA ASP A 30 -0.97 7.39 3.45
C ASP A 30 -2.44 7.55 3.04
N THR A 31 -2.77 8.65 2.36
CA THR A 31 -4.13 8.96 1.92
C THR A 31 -4.20 8.89 0.40
N GLN A 32 -4.95 7.92 -0.12
CA GLN A 32 -5.23 7.90 -1.55
C GLN A 32 -6.14 9.07 -1.91
N PHE A 33 -5.89 9.72 -3.05
CA PHE A 33 -6.76 10.82 -3.45
C PHE A 33 -7.27 10.77 -4.88
N VAL A 34 -6.70 9.95 -5.77
CA VAL A 34 -7.24 9.78 -7.12
C VAL A 34 -7.04 8.33 -7.55
N ARG A 35 -7.88 7.90 -8.51
CA ARG A 35 -7.71 6.59 -9.14
C ARG A 35 -8.12 6.67 -10.61
N PHE A 36 -7.48 5.84 -11.42
CA PHE A 36 -7.84 5.64 -12.83
C PHE A 36 -7.77 4.15 -13.10
N ASP A 37 -8.71 3.62 -13.88
CA ASP A 37 -8.71 2.19 -14.24
C ASP A 37 -9.18 2.08 -15.67
N SER A 38 -8.32 1.58 -16.57
CA SER A 38 -8.70 1.49 -17.98
C SER A 38 -9.86 0.52 -18.21
N ASP A 39 -10.12 -0.38 -17.26
CA ASP A 39 -11.22 -1.32 -17.39
C ASP A 39 -12.56 -0.74 -16.94
N ALA A 40 -12.58 0.46 -16.37
CA ALA A 40 -13.85 1.04 -15.94
C ALA A 40 -14.75 1.28 -17.15
N ALA A 41 -16.07 1.24 -16.92
CA ALA A 41 -17.00 1.41 -18.03
C ALA A 41 -16.76 2.72 -18.76
N SER A 42 -16.50 3.80 -18.01
CA SER A 42 -16.11 5.09 -18.57
C SER A 42 -14.83 5.51 -17.87
N PRO A 43 -13.68 5.10 -18.37
CA PRO A 43 -12.42 5.33 -17.64
C PRO A 43 -12.19 6.82 -17.44
N ARG A 44 -11.92 7.20 -16.19
CA ARG A 44 -11.66 8.62 -16.01
C ARG A 44 -11.01 8.78 -14.64
N MET A 45 -10.17 9.81 -14.52
CA MET A 45 -9.48 10.09 -13.27
C MET A 45 -10.55 10.46 -12.25
N ALA A 46 -10.62 9.75 -11.13
CA ALA A 46 -11.73 9.99 -10.22
C ALA A 46 -11.22 10.34 -8.84
N PRO A 47 -11.95 11.18 -8.11
CA PRO A 47 -11.50 11.57 -6.77
C PRO A 47 -11.72 10.45 -5.76
N ARG A 48 -10.81 10.37 -4.79
CA ARG A 48 -10.94 9.42 -3.71
C ARG A 48 -10.73 10.05 -2.34
N ALA A 49 -10.56 11.36 -2.27
CA ALA A 49 -10.46 12.11 -1.03
C ALA A 49 -11.27 13.38 -1.16
N PRO A 50 -11.96 13.82 -0.09
CA PRO A 50 -12.85 14.98 -0.22
C PRO A 50 -12.16 16.27 -0.66
N TRP A 51 -10.92 16.49 -0.23
CA TRP A 51 -10.24 17.75 -0.53
C TRP A 51 -9.80 17.89 -1.98
N ILE A 52 -9.80 16.81 -2.78
CA ILE A 52 -9.48 16.95 -4.19
C ILE A 52 -10.72 17.28 -5.02
N GLU A 53 -11.92 17.12 -4.45
CA GLU A 53 -13.13 17.36 -5.23
C GLU A 53 -13.29 18.81 -5.66
N GLN A 54 -12.66 19.75 -4.94
CA GLN A 54 -12.79 21.16 -5.31
C GLN A 54 -12.02 21.52 -6.57
N GLU A 55 -11.12 20.65 -7.04
CA GLU A 55 -10.44 20.94 -8.30
C GLU A 55 -11.48 20.97 -9.40
N GLY A 56 -11.32 21.90 -10.34
CA GLY A 56 -12.32 22.13 -11.35
C GLY A 56 -12.20 21.19 -12.52
N PRO A 57 -13.06 21.39 -13.51
CA PRO A 57 -13.11 20.46 -14.66
C PRO A 57 -11.81 20.42 -15.44
N GLU A 58 -11.09 21.55 -15.52
CA GLU A 58 -9.81 21.57 -16.22
C GLU A 58 -8.87 20.54 -15.61
N TYR A 59 -8.87 20.42 -14.28
CA TYR A 59 -8.02 19.46 -13.59
C TYR A 59 -8.36 18.04 -14.01
N TRP A 60 -9.64 17.67 -13.92
CA TRP A 60 -10.02 16.29 -14.19
C TRP A 60 -9.85 15.95 -15.66
N ASP A 61 -10.08 16.92 -16.55
CA ASP A 61 -9.82 16.69 -17.97
C ASP A 61 -8.35 16.41 -18.22
N ARG A 62 -7.46 17.23 -17.64
CA ARG A 62 -6.03 17.02 -17.84
C ARG A 62 -5.58 15.67 -17.29
N GLU A 63 -6.05 15.33 -16.09
CA GLU A 63 -5.60 14.09 -15.46
C GLU A 63 -6.14 12.87 -16.20
N THR A 64 -7.37 12.98 -16.72
CA THR A 64 -7.90 11.88 -17.52
C THR A 64 -7.13 11.72 -18.83
N GLN A 65 -6.80 12.84 -19.47
CA GLN A 65 -6.06 12.77 -20.72
C GLN A 65 -4.67 12.17 -20.51
N ILE A 66 -4.01 12.54 -19.40
CA ILE A 66 -2.71 11.95 -19.09
C ILE A 66 -2.86 10.45 -18.88
N SER A 67 -3.91 10.03 -18.18
CA SER A 67 -4.10 8.62 -17.89
C SER A 67 -4.34 7.81 -19.16
N LYS A 68 -5.13 8.36 -20.10
CA LYS A 68 -5.37 7.64 -21.34
C LYS A 68 -4.11 7.57 -22.21
N THR A 69 -3.35 8.66 -22.26
CA THR A 69 -2.08 8.61 -22.96
C THR A 69 -1.14 7.59 -22.31
N ASN A 70 -1.09 7.58 -20.97
CA ASN A 70 -0.23 6.62 -20.30
C ASN A 70 -0.67 5.19 -20.58
N THR A 71 -1.98 4.95 -20.62
CA THR A 71 -2.48 3.60 -20.94
C THR A 71 -1.89 3.11 -22.26
N GLN A 72 -1.90 3.96 -23.27
CA GLN A 72 -1.34 3.58 -24.57
C GLN A 72 0.18 3.40 -24.50
N THR A 73 0.88 4.32 -23.84
CA THR A 73 2.33 4.22 -23.74
C THR A 73 2.74 2.96 -22.97
N TYR A 74 1.98 2.60 -21.93
CA TYR A 74 2.36 1.42 -21.17
C TYR A 74 2.06 0.14 -21.93
N ARG A 75 1.04 0.15 -22.78
CA ARG A 75 0.84 -1.00 -23.66
C ARG A 75 1.99 -1.16 -24.64
N GLU A 76 2.47 -0.04 -25.21
CA GLU A 76 3.65 -0.08 -26.06
C GLU A 76 4.87 -0.59 -25.29
N SER A 77 5.05 -0.11 -24.06
CA SER A 77 6.20 -0.53 -23.25
C SER A 77 6.15 -2.02 -22.97
N LEU A 78 4.97 -2.56 -22.64
CA LEU A 78 4.87 -3.99 -22.38
C LEU A 78 5.26 -4.80 -23.62
N ARG A 79 4.85 -4.35 -24.81
CA ARG A 79 5.28 -5.02 -26.04
C ARG A 79 6.79 -4.96 -26.21
N ASN A 80 7.38 -3.79 -25.94
CA ASN A 80 8.83 -3.65 -26.05
C ASN A 80 9.56 -4.56 -25.06
N LEU A 81 9.08 -4.59 -23.82
N LEU A 81 9.08 -4.58 -23.82
CA LEU A 81 9.76 -5.39 -22.79
CA LEU A 81 9.75 -5.36 -22.76
C LEU A 81 9.68 -6.88 -23.10
C LEU A 81 9.68 -6.85 -23.06
N ARG A 82 8.54 -7.35 -23.60
N ARG A 82 8.56 -7.33 -23.60
CA ARG A 82 8.46 -8.75 -24.02
CA ARG A 82 8.47 -8.72 -24.01
C ARG A 82 9.56 -9.07 -25.02
C ARG A 82 9.59 -9.05 -24.99
N GLY A 83 9.82 -8.16 -25.97
CA GLY A 83 10.90 -8.37 -26.91
C GLY A 83 12.28 -8.33 -26.28
N TYR A 84 12.51 -7.38 -25.38
CA TYR A 84 13.83 -7.29 -24.74
C TYR A 84 14.20 -8.56 -24.00
N TYR A 85 13.22 -9.32 -23.53
CA TYR A 85 13.49 -10.55 -22.80
C TYR A 85 13.20 -11.81 -23.62
N ASN A 86 12.94 -11.66 -24.92
CA ASN A 86 12.69 -12.80 -25.81
C ASN A 86 11.52 -13.65 -25.33
N GLN A 87 10.50 -13.00 -24.77
CA GLN A 87 9.42 -13.75 -24.14
C GLN A 87 8.31 -14.08 -25.13
N SER A 88 7.58 -15.14 -24.81
CA SER A 88 6.45 -15.59 -25.61
C SER A 88 5.33 -14.56 -25.58
N GLU A 89 4.57 -14.51 -26.68
CA GLU A 89 3.36 -13.69 -26.70
C GLU A 89 2.24 -14.29 -25.86
N ALA A 90 2.43 -15.49 -25.33
CA ALA A 90 1.37 -16.19 -24.62
C ALA A 90 1.33 -15.87 -23.12
N GLY A 91 2.39 -15.29 -22.58
CA GLY A 91 2.42 -15.06 -21.15
C GLY A 91 1.94 -13.69 -20.75
N SER A 92 1.49 -13.61 -19.50
CA SER A 92 1.07 -12.36 -18.88
CA SER A 92 1.08 -12.35 -18.89
C SER A 92 2.22 -11.74 -18.11
N HIS A 93 2.38 -10.43 -18.22
CA HIS A 93 3.50 -9.73 -17.58
C HIS A 93 2.99 -8.44 -16.96
N THR A 94 3.79 -7.92 -16.03
CA THR A 94 3.42 -6.74 -15.25
C THR A 94 4.52 -5.69 -15.36
N LEU A 95 4.11 -4.44 -15.56
CA LEU A 95 5.02 -3.30 -15.51
C LEU A 95 4.49 -2.32 -14.47
N GLN A 96 5.35 -1.93 -13.53
CA GLN A 96 4.94 -1.02 -12.47
C GLN A 96 5.84 0.20 -12.45
N ARG A 97 5.25 1.35 -12.11
CA ARG A 97 6.05 2.56 -11.93
C ARG A 97 5.58 3.29 -10.68
N MET A 98 6.51 3.88 -9.94
N MET A 98 6.54 3.84 -9.95
CA MET A 98 6.12 4.72 -8.81
CA MET A 98 6.28 4.71 -8.80
C MET A 98 7.03 5.93 -8.75
C MET A 98 7.07 5.98 -9.00
N TYR A 99 6.44 7.11 -8.73
CA TYR A 99 7.18 8.36 -8.80
C TYR A 99 6.53 9.41 -7.92
N GLY A 100 7.31 10.43 -7.59
CA GLY A 100 6.77 11.53 -6.85
C GLY A 100 7.87 12.22 -6.07
N CYS A 101 7.46 12.98 -5.07
CA CYS A 101 8.37 13.90 -4.40
C CYS A 101 8.11 13.89 -2.91
N ASP A 102 9.18 14.18 -2.15
CA ASP A 102 9.14 14.32 -0.71
C ASP A 102 9.48 15.76 -0.38
N VAL A 103 8.74 16.37 0.54
CA VAL A 103 9.00 17.74 0.99
C VAL A 103 9.14 17.75 2.50
N GLY A 104 9.88 18.75 3.00
CA GLY A 104 10.07 18.93 4.41
C GLY A 104 8.99 19.81 5.02
N PRO A 105 9.08 20.04 6.34
CA PRO A 105 8.08 20.89 7.01
C PRO A 105 7.95 22.28 6.40
N ASP A 106 9.00 22.80 5.78
CA ASP A 106 8.97 24.10 5.13
C ASP A 106 8.50 24.01 3.68
N GLY A 107 8.09 22.83 3.22
CA GLY A 107 7.64 22.67 1.85
C GLY A 107 8.74 22.55 0.82
N ARG A 108 10.00 22.56 1.23
CA ARG A 108 11.09 22.45 0.29
C ARG A 108 11.32 21.00 -0.11
N LEU A 109 11.69 20.81 -1.37
CA LEU A 109 11.99 19.47 -1.86
C LEU A 109 13.08 18.82 -1.03
N LEU A 110 12.80 17.60 -0.57
CA LEU A 110 13.80 16.75 0.05
C LEU A 110 14.46 15.87 -1.00
N ARG A 111 13.66 15.21 -1.82
CA ARG A 111 14.18 14.45 -2.95
C ARG A 111 13.02 14.02 -3.83
N GLY A 112 13.34 13.63 -5.07
CA GLY A 112 12.39 13.08 -6.01
C GLY A 112 12.62 11.60 -6.23
N HIS A 113 11.60 10.95 -6.83
CA HIS A 113 11.62 9.51 -7.01
C HIS A 113 11.03 9.19 -8.37
N ASP A 114 11.63 8.22 -9.07
CA ASP A 114 10.99 7.61 -10.23
C ASP A 114 11.62 6.24 -10.44
N GLN A 115 10.85 5.18 -10.21
CA GLN A 115 11.36 3.82 -10.23
C GLN A 115 10.39 2.92 -10.98
N SER A 116 10.92 1.89 -11.65
N SER A 116 10.92 1.88 -11.62
CA SER A 116 10.10 0.96 -12.42
CA SER A 116 10.06 0.95 -12.32
C SER A 116 10.53 -0.48 -12.17
C SER A 116 10.50 -0.48 -12.04
N ALA A 117 9.57 -1.40 -12.25
CA ALA A 117 9.81 -2.82 -12.09
C ALA A 117 9.07 -3.60 -13.17
N TYR A 118 9.67 -4.70 -13.62
CA TYR A 118 9.06 -5.57 -14.61
C TYR A 118 8.92 -6.96 -13.99
N ASP A 119 7.70 -7.50 -14.01
CA ASP A 119 7.38 -8.76 -13.34
C ASP A 119 7.90 -8.79 -11.91
N GLY A 120 7.77 -7.65 -11.22
CA GLY A 120 8.09 -7.56 -9.81
C GLY A 120 9.56 -7.36 -9.50
N LYS A 121 10.41 -7.25 -10.52
CA LYS A 121 11.84 -7.12 -10.39
C LYS A 121 12.25 -5.70 -10.78
N ASP A 122 13.04 -5.05 -9.93
CA ASP A 122 13.53 -3.72 -10.28
C ASP A 122 14.14 -3.70 -11.68
N TYR A 123 13.75 -2.70 -12.46
CA TYR A 123 14.13 -2.60 -13.87
C TYR A 123 14.99 -1.38 -14.14
N ILE A 124 14.49 -0.17 -13.90
CA ILE A 124 15.26 1.05 -14.07
C ILE A 124 14.77 2.06 -13.05
N ALA A 125 15.69 2.88 -12.57
CA ALA A 125 15.34 3.90 -11.59
C ALA A 125 16.10 5.18 -11.90
N LEU A 126 15.43 6.30 -11.72
CA LEU A 126 16.09 7.60 -11.74
C LEU A 126 16.90 7.76 -10.45
N ASN A 127 18.17 8.12 -10.59
CA ASN A 127 19.01 8.31 -9.43
C ASN A 127 18.60 9.59 -8.68
N GLU A 128 19.05 9.70 -7.43
CA GLU A 128 18.66 10.84 -6.60
C GLU A 128 19.11 12.16 -7.18
N ASP A 129 20.16 12.16 -8.00
CA ASP A 129 20.56 13.39 -8.71
C ASP A 129 19.52 13.87 -9.72
N LEU A 130 18.49 13.07 -10.04
CA LEU A 130 17.50 13.42 -11.06
C LEU A 130 18.14 13.70 -12.41
N SER A 131 19.29 13.08 -12.68
CA SER A 131 19.97 13.33 -13.95
CA SER A 131 20.01 13.34 -13.92
C SER A 131 20.52 12.09 -14.61
N SER A 132 20.55 10.94 -13.93
CA SER A 132 21.10 9.71 -14.47
C SER A 132 20.22 8.55 -14.01
N TRP A 133 20.40 7.40 -14.67
CA TRP A 133 19.58 6.22 -14.41
C TRP A 133 20.45 5.07 -13.92
N THR A 134 19.85 4.19 -13.13
CA THR A 134 20.44 2.90 -12.81
C THR A 134 19.60 1.81 -13.47
N ALA A 135 20.19 1.09 -14.41
CA ALA A 135 19.54 0.00 -15.14
C ALA A 135 19.95 -1.33 -14.55
N ALA A 136 18.95 -2.22 -14.38
CA ALA A 136 19.20 -3.50 -13.70
C ALA A 136 19.91 -4.53 -14.58
N ASP A 137 19.73 -4.49 -15.89
CA ASP A 137 20.23 -5.55 -16.75
C ASP A 137 20.36 -5.01 -18.17
N THR A 138 20.71 -5.90 -19.11
CA THR A 138 20.96 -5.43 -20.47
C THR A 138 19.68 -4.99 -21.16
N ALA A 139 18.52 -5.52 -20.75
CA ALA A 139 17.27 -5.01 -21.29
C ALA A 139 17.02 -3.59 -20.83
N ALA A 140 17.19 -3.34 -19.53
CA ALA A 140 16.99 -1.99 -19.01
C ALA A 140 17.99 -1.02 -19.62
N GLN A 141 19.16 -1.50 -20.03
CA GLN A 141 20.11 -0.63 -20.72
C GLN A 141 19.57 -0.13 -22.06
N ILE A 142 18.75 -0.94 -22.74
CA ILE A 142 18.10 -0.45 -23.95
C ILE A 142 17.19 0.72 -23.62
N THR A 143 16.35 0.57 -22.59
CA THR A 143 15.50 1.67 -22.17
C THR A 143 16.31 2.89 -21.79
N GLN A 144 17.39 2.68 -21.03
CA GLN A 144 18.23 3.81 -20.60
C GLN A 144 18.75 4.57 -21.81
N ARG A 145 19.29 3.86 -22.81
CA ARG A 145 19.80 4.55 -23.99
C ARG A 145 18.70 5.32 -24.70
N LYS A 146 17.49 4.75 -24.80
CA LYS A 146 16.38 5.48 -25.40
C LYS A 146 16.05 6.73 -24.60
N TRP A 147 16.05 6.61 -23.26
CA TRP A 147 15.69 7.77 -22.45
C TRP A 147 16.82 8.79 -22.42
N GLU A 148 18.07 8.34 -22.52
CA GLU A 148 19.18 9.28 -22.59
C GLU A 148 19.14 10.07 -23.88
N ALA A 149 18.80 9.40 -24.99
CA ALA A 149 18.71 10.10 -26.27
C ALA A 149 17.61 11.14 -26.26
N ALA A 150 16.51 10.88 -25.58
CA ALA A 150 15.39 11.81 -25.51
C ALA A 150 15.48 12.78 -24.34
N ARG A 151 16.57 12.74 -23.57
CA ARG A 151 16.74 13.62 -22.41
C ARG A 151 15.54 13.54 -21.48
N GLU A 152 15.14 12.30 -21.18
CA GLU A 152 14.02 12.03 -20.28
C GLU A 152 14.33 12.49 -18.86
N ALA A 153 15.58 12.40 -18.42
CA ALA A 153 15.89 12.76 -17.03
C ALA A 153 15.65 14.25 -16.79
N GLU A 154 15.97 15.08 -17.78
CA GLU A 154 15.74 16.52 -17.63
C GLU A 154 14.25 16.85 -17.51
N GLN A 155 13.40 16.12 -18.22
CA GLN A 155 11.96 16.34 -18.06
CA GLN A 155 11.95 16.33 -18.07
C GLN A 155 11.49 15.90 -16.68
N TRP A 156 12.01 14.78 -16.18
CA TRP A 156 11.62 14.33 -14.84
C TRP A 156 12.09 15.30 -13.77
N ARG A 157 13.33 15.81 -13.91
CA ARG A 157 13.82 16.77 -12.93
C ARG A 157 12.93 18.00 -12.90
N ALA A 158 12.53 18.50 -14.07
CA ALA A 158 11.67 19.68 -14.11
C ALA A 158 10.34 19.41 -13.45
N TYR A 159 9.77 18.23 -13.68
CA TYR A 159 8.51 17.87 -13.06
C TYR A 159 8.65 17.72 -11.55
N LEU A 160 9.67 16.98 -11.10
CA LEU A 160 9.78 16.67 -9.68
C LEU A 160 10.12 17.91 -8.86
N GLU A 161 10.95 18.81 -9.40
CA GLU A 161 11.28 20.02 -8.66
C GLU A 161 10.24 21.12 -8.82
N GLY A 162 9.34 20.99 -9.78
CA GLY A 162 8.38 22.02 -10.09
C GLY A 162 6.96 21.62 -9.74
N LEU A 163 6.22 21.14 -10.73
CA LEU A 163 4.81 20.83 -10.55
C LEU A 163 4.56 19.89 -9.38
N CYS A 164 5.40 18.87 -9.21
CA CYS A 164 5.16 17.88 -8.16
C CYS A 164 5.10 18.56 -6.80
N VAL A 165 6.10 19.38 -6.50
CA VAL A 165 6.17 19.99 -5.19
C VAL A 165 5.10 21.07 -5.05
N GLU A 166 4.85 21.82 -6.12
CA GLU A 166 3.83 22.86 -6.10
C GLU A 166 2.45 22.28 -5.84
N TRP A 167 2.11 21.18 -6.51
CA TRP A 167 0.79 20.60 -6.30
C TRP A 167 0.71 19.89 -4.95
N LEU A 168 1.79 19.25 -4.52
CA LEU A 168 1.77 18.66 -3.18
C LEU A 168 1.50 19.73 -2.12
N ARG A 169 2.17 20.88 -2.22
CA ARG A 169 1.91 21.96 -1.26
C ARG A 169 0.45 22.40 -1.32
N ARG A 170 -0.10 22.48 -2.54
CA ARG A 170 -1.52 22.83 -2.69
C ARG A 170 -2.43 21.82 -2.02
N TYR A 171 -2.18 20.53 -2.26
CA TYR A 171 -3.00 19.48 -1.65
C TYR A 171 -2.91 19.53 -0.13
N LEU A 172 -1.69 19.75 0.39
CA LEU A 172 -1.49 19.77 1.83
C LEU A 172 -2.26 20.92 2.48
N GLU A 173 -2.39 22.04 1.79
CA GLU A 173 -3.16 23.15 2.33
C GLU A 173 -4.66 22.88 2.21
N ASN A 174 -5.13 22.42 1.05
CA ASN A 174 -6.55 22.13 0.89
C ASN A 174 -7.01 21.02 1.83
N GLY A 175 -6.14 20.06 2.13
CA GLY A 175 -6.52 18.96 3.01
C GLY A 175 -5.92 19.05 4.38
N LYS A 176 -5.60 20.27 4.84
CA LYS A 176 -4.77 20.42 6.02
C LYS A 176 -5.42 19.84 7.27
N GLU A 177 -6.76 19.84 7.36
CA GLU A 177 -7.39 19.31 8.57
C GLU A 177 -7.29 17.79 8.69
N THR A 178 -6.94 17.07 7.62
CA THR A 178 -6.68 15.64 7.70
C THR A 178 -5.25 15.29 7.37
N LEU A 179 -4.73 15.77 6.23
CA LEU A 179 -3.37 15.41 5.84
C LEU A 179 -2.32 15.91 6.83
N GLN A 180 -2.58 17.03 7.50
CA GLN A 180 -1.65 17.58 8.47
C GLN A 180 -2.10 17.32 9.92
N ARG A 181 -2.90 16.29 10.12
CA ARG A 181 -3.35 15.89 11.45
C ARG A 181 -2.87 14.48 11.71
N ALA A 182 -1.98 14.33 12.68
CA ALA A 182 -1.55 13.02 13.13
C ALA A 182 -2.50 12.55 14.23
N ASP A 183 -3.05 11.35 14.07
CA ASP A 183 -3.94 10.79 15.07
C ASP A 183 -3.17 9.76 15.88
N PRO A 184 -3.04 9.91 17.19
CA PRO A 184 -2.23 8.99 17.97
C PRO A 184 -2.89 7.63 18.10
N PRO A 185 -2.09 6.59 18.33
CA PRO A 185 -2.66 5.27 18.58
C PRO A 185 -3.35 5.20 19.93
N LYS A 186 -4.48 4.51 19.95
CA LYS A 186 -5.09 4.04 21.18
C LYS A 186 -4.44 2.70 21.53
N THR A 187 -3.89 2.58 22.73
CA THR A 187 -3.04 1.45 23.05
C THR A 187 -3.56 0.68 24.26
N HIS A 188 -3.34 -0.64 24.23
CA HIS A 188 -3.62 -1.48 25.40
C HIS A 188 -2.89 -2.80 25.24
N VAL A 189 -2.75 -3.52 26.35
CA VAL A 189 -2.06 -4.81 26.39
C VAL A 189 -3.09 -5.85 26.78
N THR A 190 -3.13 -6.94 26.03
CA THR A 190 -3.99 -8.07 26.35
C THR A 190 -3.12 -9.27 26.72
N HIS A 191 -3.74 -10.24 27.40
CA HIS A 191 -3.06 -11.38 27.99
C HIS A 191 -3.82 -12.63 27.59
N HIS A 192 -3.13 -13.58 26.97
CA HIS A 192 -3.75 -14.78 26.41
C HIS A 192 -3.01 -16.02 26.91
N PRO A 193 -3.53 -16.69 27.94
CA PRO A 193 -2.90 -17.93 28.41
C PRO A 193 -2.74 -18.95 27.29
N ILE A 194 -1.54 -19.53 27.20
CA ILE A 194 -1.24 -20.59 26.25
C ILE A 194 -1.31 -21.96 26.92
N SER A 195 -0.71 -22.07 28.08
CA SER A 195 -0.57 -23.31 28.82
C SER A 195 -0.38 -22.95 30.29
N ASP A 196 -0.15 -23.95 31.13
CA ASP A 196 0.25 -23.69 32.50
C ASP A 196 1.55 -22.90 32.57
N HIS A 197 2.34 -22.90 31.51
CA HIS A 197 3.73 -22.46 31.57
C HIS A 197 3.95 -21.10 30.94
N GLU A 198 3.06 -20.69 30.04
CA GLU A 198 3.32 -19.56 29.15
C GLU A 198 2.01 -18.86 28.83
N ALA A 199 2.12 -17.55 28.56
CA ALA A 199 1.01 -16.76 28.06
C ALA A 199 1.55 -15.77 27.04
N THR A 200 0.66 -15.31 26.17
CA THR A 200 0.99 -14.27 25.19
C THR A 200 0.60 -12.92 25.75
N LEU A 201 1.54 -11.97 25.71
CA LEU A 201 1.22 -10.57 25.91
C LEU A 201 1.17 -9.91 24.54
N ARG A 202 0.05 -9.26 24.23
CA ARG A 202 -0.12 -8.62 22.94
C ARG A 202 -0.34 -7.13 23.16
N CYS A 203 0.52 -6.32 22.55
CA CYS A 203 0.43 -4.86 22.65
C CYS A 203 -0.25 -4.33 21.39
N TRP A 204 -1.36 -3.62 21.57
CA TRP A 204 -2.20 -3.13 20.49
C TRP A 204 -1.99 -1.64 20.27
N ALA A 205 -2.00 -1.23 18.99
CA ALA A 205 -2.07 0.18 18.62
C ALA A 205 -3.17 0.32 17.57
N LEU A 206 -4.18 1.15 17.87
CA LEU A 206 -5.37 1.22 17.05
C LEU A 206 -5.70 2.67 16.73
N GLY A 207 -6.23 2.88 15.51
CA GLY A 207 -6.80 4.17 15.18
C GLY A 207 -5.80 5.26 14.87
N PHE A 208 -4.59 4.93 14.45
CA PHE A 208 -3.55 5.92 14.27
C PHE A 208 -3.37 6.30 12.79
N TYR A 209 -2.85 7.52 12.57
CA TYR A 209 -2.56 8.03 11.25
C TYR A 209 -1.42 9.01 11.45
N PRO A 210 -0.36 8.99 10.62
CA PRO A 210 -0.14 8.08 9.48
C PRO A 210 0.29 6.69 9.91
N ALA A 211 0.63 5.83 8.94
CA ALA A 211 0.86 4.42 9.24
C ALA A 211 2.18 4.19 9.98
N GLU A 212 3.13 5.09 9.82
CA GLU A 212 4.43 4.97 10.48
C GLU A 212 4.28 4.87 11.99
N ILE A 213 4.86 3.82 12.57
CA ILE A 213 4.74 3.56 14.01
C ILE A 213 5.87 2.61 14.40
N THR A 214 6.28 2.69 15.66
CA THR A 214 7.18 1.69 16.23
CA THR A 214 7.20 1.72 16.25
C THR A 214 6.53 1.11 17.48
N LEU A 215 6.36 -0.21 17.47
CA LEU A 215 5.89 -0.99 18.62
C LEU A 215 6.96 -2.01 18.94
N THR A 216 7.44 -1.99 20.18
CA THR A 216 8.48 -2.90 20.62
CA THR A 216 8.52 -2.87 20.64
C THR A 216 8.18 -3.41 22.02
N TRP A 217 8.64 -4.64 22.28
CA TRP A 217 8.53 -5.25 23.59
C TRP A 217 9.93 -5.29 24.19
N GLN A 218 10.04 -4.94 25.47
CA GLN A 218 11.28 -5.09 26.20
C GLN A 218 11.08 -6.05 27.37
N ARG A 219 12.12 -6.82 27.68
CA ARG A 219 12.15 -7.66 28.87
C ARG A 219 13.35 -7.19 29.69
N ASP A 220 13.08 -6.77 30.94
CA ASP A 220 14.12 -6.18 31.80
C ASP A 220 14.87 -5.07 31.05
N GLY A 221 14.14 -4.29 30.26
CA GLY A 221 14.72 -3.18 29.53
C GLY A 221 15.48 -3.53 28.26
N GLU A 222 15.48 -4.79 27.85
CA GLU A 222 16.20 -5.22 26.66
C GLU A 222 15.20 -5.54 25.55
N ASP A 223 15.45 -5.03 24.35
CA ASP A 223 14.56 -5.28 23.22
C ASP A 223 14.47 -6.77 22.93
N GLN A 224 13.25 -7.22 22.58
CA GLN A 224 12.97 -8.62 22.30
C GLN A 224 12.72 -8.86 20.82
N THR A 225 13.57 -8.26 19.97
CA THR A 225 13.32 -8.24 18.53
C THR A 225 13.10 -9.64 17.97
N GLN A 226 14.02 -10.56 18.25
CA GLN A 226 13.91 -11.92 17.71
C GLN A 226 12.73 -12.69 18.29
N ASP A 227 12.21 -12.28 19.45
CA ASP A 227 11.17 -13.04 20.12
C ASP A 227 9.79 -12.39 19.99
N THR A 228 9.69 -11.26 19.31
CA THR A 228 8.43 -10.56 19.14
C THR A 228 7.80 -10.94 17.81
N GLU A 229 6.51 -11.29 17.84
CA GLU A 229 5.74 -11.43 16.62
C GLU A 229 5.08 -10.09 16.30
N LEU A 230 5.40 -9.54 15.14
CA LEU A 230 4.96 -8.20 14.75
C LEU A 230 4.15 -8.32 13.47
N VAL A 231 2.84 -8.04 13.52
CA VAL A 231 2.06 -8.13 12.29
C VAL A 231 2.27 -6.87 11.47
N GLU A 232 2.04 -7.01 10.17
CA GLU A 232 2.11 -5.87 9.26
C GLU A 232 1.04 -4.85 9.65
N THR A 233 1.44 -3.58 9.64
CA THR A 233 0.47 -2.51 9.84
C THR A 233 -0.64 -2.62 8.80
N ARG A 234 -1.90 -2.50 9.25
CA ARG A 234 -3.06 -2.82 8.43
C ARG A 234 -4.08 -1.70 8.47
N PRO A 235 -4.77 -1.43 7.37
CA PRO A 235 -5.75 -0.34 7.35
C PRO A 235 -7.06 -0.73 8.01
N ALA A 236 -7.62 0.19 8.79
CA ALA A 236 -8.92 -0.07 9.41
C ALA A 236 -10.08 0.18 8.46
N GLY A 237 -9.86 0.99 7.43
CA GLY A 237 -10.89 1.42 6.52
C GLY A 237 -11.46 2.79 6.82
N ASP A 238 -11.00 3.47 7.89
CA ASP A 238 -11.54 4.78 8.28
C ASP A 238 -10.44 5.85 8.35
N ARG A 239 -9.30 5.59 7.69
CA ARG A 239 -8.27 6.55 7.29
C ARG A 239 -7.12 5.90 8.05
N THR A 240 -7.47 5.27 9.21
CA THR A 240 -6.50 4.94 10.26
C THR A 240 -5.94 3.53 10.08
N PHE A 241 -4.98 3.19 10.93
CA PHE A 241 -4.21 1.97 10.80
C PHE A 241 -4.21 1.27 12.15
N GLN A 242 -3.83 -0.01 12.12
CA GLN A 242 -3.80 -0.88 13.29
C GLN A 242 -2.52 -1.68 13.26
N LYS A 243 -2.01 -2.04 14.44
CA LYS A 243 -0.84 -2.91 14.52
C LYS A 243 -0.81 -3.56 15.90
N TRP A 244 -0.19 -4.73 15.99
CA TRP A 244 0.08 -5.31 17.29
C TRP A 244 1.40 -6.05 17.29
N ALA A 245 1.94 -6.21 18.49
CA ALA A 245 3.21 -6.90 18.71
C ALA A 245 3.02 -7.85 19.88
N ALA A 246 3.47 -9.09 19.74
CA ALA A 246 3.22 -10.09 20.79
C ALA A 246 4.49 -10.80 21.19
N VAL A 247 4.59 -11.11 22.49
CA VAL A 247 5.67 -11.94 23.03
C VAL A 247 5.06 -13.04 23.88
N VAL A 248 5.72 -14.19 23.90
CA VAL A 248 5.34 -15.32 24.74
C VAL A 248 6.17 -15.26 26.01
N VAL A 249 5.50 -15.23 27.15
CA VAL A 249 6.17 -14.93 28.41
C VAL A 249 5.92 -16.08 29.38
N PRO A 250 6.89 -16.41 30.23
CA PRO A 250 6.63 -17.42 31.27
C PRO A 250 5.60 -16.94 32.27
N SER A 251 4.75 -17.86 32.71
CA SER A 251 3.73 -17.50 33.69
C SER A 251 4.37 -16.90 34.93
N GLY A 252 3.82 -15.78 35.38
CA GLY A 252 4.36 -15.09 36.54
C GLY A 252 5.41 -14.03 36.24
N GLU A 253 5.94 -13.98 35.02
CA GLU A 253 6.97 -13.00 34.68
C GLU A 253 6.42 -11.80 33.90
N GLU A 254 5.10 -11.64 33.86
CA GLU A 254 4.51 -10.63 32.98
C GLU A 254 5.01 -9.22 33.29
N GLN A 255 5.29 -8.92 34.56
CA GLN A 255 5.68 -7.55 34.89
C GLN A 255 7.12 -7.22 34.53
N ARG A 256 7.89 -8.18 34.05
CA ARG A 256 9.21 -7.85 33.52
C ARG A 256 9.15 -7.32 32.10
N TYR A 257 7.96 -7.30 31.49
CA TYR A 257 7.82 -6.94 30.09
C TYR A 257 7.15 -5.58 29.96
N THR A 258 7.68 -4.74 29.07
CA THR A 258 7.08 -3.45 28.77
C THR A 258 6.94 -3.27 27.27
N CYS A 259 5.83 -2.68 26.87
CA CYS A 259 5.59 -2.35 25.47
C CYS A 259 5.86 -0.86 25.28
N HIS A 260 6.54 -0.54 24.19
CA HIS A 260 6.96 0.84 23.92
C HIS A 260 6.41 1.27 22.57
N VAL A 261 5.78 2.44 22.54
CA VAL A 261 5.05 2.92 21.37
C VAL A 261 5.56 4.30 21.01
N GLN A 262 5.99 4.47 19.75
CA GLN A 262 6.34 5.77 19.21
C GLN A 262 5.47 6.07 18.00
N HIS A 263 4.94 7.29 17.94
CA HIS A 263 4.09 7.74 16.85
C HIS A 263 4.04 9.26 16.89
N GLU A 264 3.95 9.91 15.72
CA GLU A 264 4.00 11.37 15.74
C GLU A 264 2.74 12.01 16.33
N GLY A 265 1.65 11.27 16.47
CA GLY A 265 0.47 11.82 17.12
C GLY A 265 0.55 11.87 18.64
N LEU A 266 1.54 11.21 19.23
CA LEU A 266 1.66 11.14 20.68
C LEU A 266 2.45 12.33 21.19
N PRO A 267 1.99 12.99 22.26
CA PRO A 267 2.81 14.05 22.86
C PRO A 267 4.12 13.53 23.41
N LYS A 268 4.17 12.27 23.82
CA LYS A 268 5.38 11.67 24.38
C LYS A 268 5.28 10.16 24.20
N PRO A 269 6.39 9.47 23.94
CA PRO A 269 6.33 8.02 23.75
C PRO A 269 5.73 7.29 24.94
N LEU A 270 5.04 6.19 24.65
CA LEU A 270 4.31 5.43 25.64
C LEU A 270 5.08 4.21 26.08
N THR A 271 4.95 3.89 27.36
CA THR A 271 5.40 2.63 27.93
C THR A 271 4.17 1.98 28.55
N LEU A 272 3.85 0.76 28.12
CA LEU A 272 2.70 0.02 28.62
C LEU A 272 3.15 -1.28 29.26
N ARG A 273 2.34 -1.76 30.18
CA ARG A 273 2.53 -3.06 30.79
C ARG A 273 1.15 -3.71 30.93
N TRP A 274 1.14 -5.03 31.07
CA TRP A 274 -0.13 -5.69 31.33
C TRP A 274 -0.66 -5.24 32.67
N GLU A 275 -1.93 -4.86 32.70
CA GLU A 275 -2.58 -4.36 33.91
C GLU A 275 -3.73 -5.31 34.21
N PRO A 276 -3.49 -6.37 35.00
CA PRO A 276 -4.61 -7.27 35.29
C PRO A 276 -5.59 -6.60 36.25
N GLN B 2 7.20 -15.07 -8.32
CA GLN B 2 5.87 -14.96 -7.74
C GLN B 2 5.95 -14.94 -6.21
N ARG B 3 5.01 -14.21 -5.59
CA ARG B 3 4.98 -14.02 -4.15
C ARG B 3 3.58 -14.32 -3.64
N THR B 4 3.50 -15.15 -2.60
CA THR B 4 2.17 -15.55 -2.17
C THR B 4 1.62 -14.54 -1.16
N PRO B 5 0.30 -14.36 -1.09
CA PRO B 5 -0.25 -13.29 -0.26
C PRO B 5 -0.18 -13.58 1.24
N LYS B 6 0.12 -12.53 1.99
CA LYS B 6 -0.16 -12.50 3.42
C LYS B 6 -1.63 -12.13 3.62
N ILE B 7 -2.23 -12.63 4.69
CA ILE B 7 -3.67 -12.46 4.91
C ILE B 7 -3.91 -12.13 6.37
N GLN B 8 -4.64 -11.04 6.63
CA GLN B 8 -5.11 -10.72 7.97
C GLN B 8 -6.60 -10.47 7.91
N VAL B 9 -7.34 -11.02 8.87
CA VAL B 9 -8.78 -10.85 8.96
C VAL B 9 -9.09 -10.25 10.32
N TYR B 10 -9.82 -9.13 10.32
CA TYR B 10 -9.96 -8.33 11.55
C TYR B 10 -11.11 -7.37 11.37
N SER B 11 -11.47 -6.67 12.45
CA SER B 11 -12.58 -5.73 12.40
C SER B 11 -12.08 -4.29 12.47
N ARG B 12 -12.87 -3.38 11.92
CA ARG B 12 -12.48 -1.97 11.94
C ARG B 12 -12.46 -1.43 13.35
N HIS B 13 -13.48 -1.76 14.14
CA HIS B 13 -13.67 -1.33 15.51
C HIS B 13 -13.63 -2.56 16.41
N PRO B 14 -13.28 -2.39 17.69
CA PRO B 14 -13.29 -3.55 18.59
C PRO B 14 -14.65 -4.24 18.58
N ALA B 15 -14.62 -5.57 18.53
CA ALA B 15 -15.85 -6.32 18.34
C ALA B 15 -16.69 -6.31 19.60
N GLU B 16 -17.96 -5.93 19.45
CA GLU B 16 -18.97 -6.05 20.50
C GLU B 16 -20.15 -6.79 19.92
N ASN B 17 -20.49 -7.94 20.50
CA ASN B 17 -21.57 -8.76 19.97
C ASN B 17 -22.86 -7.95 19.90
N GLY B 18 -23.57 -8.12 18.78
CA GLY B 18 -24.80 -7.42 18.50
C GLY B 18 -24.65 -6.03 17.93
N LYS B 19 -23.42 -5.55 17.74
CA LYS B 19 -23.17 -4.16 17.38
C LYS B 19 -22.56 -4.12 15.99
N SER B 20 -23.12 -3.32 15.10
CA SER B 20 -22.65 -3.25 13.72
C SER B 20 -21.21 -2.76 13.65
N ASN B 21 -20.47 -3.29 12.67
CA ASN B 21 -19.02 -3.13 12.58
C ASN B 21 -18.65 -3.36 11.12
N PHE B 22 -17.35 -3.44 10.84
CA PHE B 22 -16.86 -3.75 9.49
C PHE B 22 -15.86 -4.87 9.59
N LEU B 23 -16.03 -5.89 8.73
CA LEU B 23 -15.12 -7.03 8.65
C LEU B 23 -14.12 -6.78 7.54
N ASN B 24 -12.83 -6.86 7.87
CA ASN B 24 -11.76 -6.58 6.92
C ASN B 24 -10.98 -7.84 6.59
N CYS B 25 -10.61 -7.98 5.32
CA CYS B 25 -9.61 -8.95 4.92
C CYS B 25 -8.55 -8.18 4.14
N TYR B 26 -7.36 -8.10 4.71
CA TYR B 26 -6.25 -7.38 4.10
C TYR B 26 -5.30 -8.40 3.51
N VAL B 27 -5.13 -8.37 2.18
CA VAL B 27 -4.20 -9.24 1.49
C VAL B 27 -3.04 -8.40 0.98
N SER B 28 -1.82 -8.87 1.20
CA SER B 28 -0.67 -8.05 0.91
C SER B 28 0.51 -8.93 0.57
N GLY B 29 1.56 -8.29 0.05
CA GLY B 29 2.81 -8.98 -0.21
C GLY B 29 2.80 -9.92 -1.38
N PHE B 30 1.82 -9.84 -2.27
CA PHE B 30 1.67 -10.82 -3.34
C PHE B 30 2.05 -10.24 -4.70
N HIS B 31 2.38 -11.14 -5.62
CA HIS B 31 2.76 -10.80 -6.99
C HIS B 31 2.62 -12.07 -7.80
N PRO B 32 1.97 -12.05 -8.97
CA PRO B 32 1.36 -10.89 -9.62
C PRO B 32 0.03 -10.47 -8.97
N SER B 33 -0.69 -9.55 -9.60
CA SER B 33 -1.74 -8.81 -8.91
C SER B 33 -3.09 -9.49 -8.93
N ASP B 34 -3.33 -10.46 -9.81
CA ASP B 34 -4.63 -11.10 -9.84
C ASP B 34 -4.83 -11.92 -8.58
N ILE B 35 -5.97 -11.74 -7.93
CA ILE B 35 -6.24 -12.42 -6.68
C ILE B 35 -7.75 -12.51 -6.50
N GLU B 36 -8.21 -13.61 -5.93
CA GLU B 36 -9.62 -13.86 -5.64
C GLU B 36 -9.80 -13.85 -4.14
N VAL B 37 -10.70 -12.99 -3.65
CA VAL B 37 -10.97 -12.89 -2.21
C VAL B 37 -12.46 -12.94 -1.98
N ASP B 38 -12.88 -13.86 -1.11
CA ASP B 38 -14.26 -13.95 -0.63
C ASP B 38 -14.26 -13.78 0.88
N LEU B 39 -15.25 -13.04 1.38
CA LEU B 39 -15.56 -13.02 2.81
C LEU B 39 -16.71 -13.98 3.07
N LEU B 40 -16.60 -14.76 4.14
CA LEU B 40 -17.53 -15.84 4.43
C LEU B 40 -18.23 -15.59 5.76
N LYS B 41 -19.53 -15.91 5.80
CA LYS B 41 -20.30 -15.97 7.02
C LYS B 41 -20.84 -17.38 7.16
N ASN B 42 -20.38 -18.10 8.18
CA ASN B 42 -20.74 -19.50 8.40
C ASN B 42 -20.54 -20.33 7.13
N GLY B 43 -19.38 -20.13 6.50
CA GLY B 43 -18.99 -20.88 5.33
C GLY B 43 -19.59 -20.43 4.01
N GLU B 44 -20.51 -19.46 4.03
CA GLU B 44 -21.19 -18.98 2.84
C GLU B 44 -20.64 -17.61 2.43
N ARG B 45 -20.63 -17.37 1.12
CA ARG B 45 -20.01 -16.15 0.59
C ARG B 45 -20.91 -14.94 0.81
N ILE B 46 -20.36 -13.90 1.41
CA ILE B 46 -21.09 -12.64 1.57
C ILE B 46 -21.12 -11.92 0.23
N GLU B 47 -22.29 -11.44 -0.17
N GLU B 47 -22.30 -11.43 -0.16
CA GLU B 47 -22.43 -10.95 -1.53
CA GLU B 47 -22.49 -10.94 -1.51
C GLU B 47 -21.97 -9.50 -1.70
C GLU B 47 -22.01 -9.50 -1.70
N LYS B 48 -22.24 -8.63 -0.72
CA LYS B 48 -21.89 -7.22 -0.86
C LYS B 48 -20.55 -6.97 -0.16
N VAL B 49 -19.47 -7.12 -0.92
CA VAL B 49 -18.12 -6.90 -0.42
C VAL B 49 -17.42 -5.92 -1.36
N GLU B 50 -16.90 -4.85 -0.78
CA GLU B 50 -16.17 -3.81 -1.52
C GLU B 50 -14.67 -4.03 -1.35
N HIS B 51 -13.89 -3.37 -2.20
CA HIS B 51 -12.45 -3.49 -2.05
C HIS B 51 -11.76 -2.20 -2.50
N SER B 52 -10.55 -2.02 -1.99
CA SER B 52 -9.74 -0.85 -2.28
C SER B 52 -9.16 -0.94 -3.70
N ASP B 53 -8.64 0.19 -4.15
CA ASP B 53 -7.99 0.29 -5.46
C ASP B 53 -6.60 -0.33 -5.38
N LEU B 54 -6.23 -1.06 -6.42
CA LEU B 54 -4.94 -1.77 -6.42
C LEU B 54 -3.78 -0.82 -6.28
N SER B 55 -2.96 -1.03 -5.25
CA SER B 55 -1.71 -0.31 -5.10
C SER B 55 -0.64 -1.31 -4.68
N PHE B 56 0.56 -0.80 -4.45
CA PHE B 56 1.66 -1.68 -4.10
C PHE B 56 2.64 -0.98 -3.17
N SER B 57 3.48 -1.80 -2.54
N SER B 57 3.48 -1.79 -2.54
CA SER B 57 4.42 -1.37 -1.52
CA SER B 57 4.41 -1.32 -1.53
C SER B 57 5.78 -1.08 -2.15
C SER B 57 5.76 -1.01 -2.16
N LYS B 58 6.72 -0.60 -1.32
CA LYS B 58 8.05 -0.26 -1.82
C LYS B 58 8.76 -1.44 -2.46
N ASP B 59 8.46 -2.67 -2.04
CA ASP B 59 9.09 -3.83 -2.63
C ASP B 59 8.34 -4.35 -3.85
N TRP B 60 7.40 -3.58 -4.39
CA TRP B 60 6.59 -3.84 -5.58
C TRP B 60 5.45 -4.83 -5.34
N SER B 61 5.31 -5.39 -4.16
CA SER B 61 4.23 -6.35 -3.94
C SER B 61 2.91 -5.61 -3.73
N PHE B 62 1.83 -6.26 -4.17
CA PHE B 62 0.52 -5.62 -4.18
C PHE B 62 -0.18 -5.79 -2.84
N TYR B 63 -1.16 -4.90 -2.60
CA TYR B 63 -2.02 -5.06 -1.43
C TYR B 63 -3.42 -4.55 -1.76
N LEU B 64 -4.41 -5.16 -1.11
CA LEU B 64 -5.82 -4.85 -1.29
C LEU B 64 -6.52 -5.05 0.05
N LEU B 65 -7.53 -4.21 0.31
CA LEU B 65 -8.42 -4.37 1.45
C LEU B 65 -9.82 -4.71 0.95
N TYR B 66 -10.35 -5.85 1.39
CA TYR B 66 -11.72 -6.24 1.14
C TYR B 66 -12.50 -6.04 2.43
N TYR B 67 -13.69 -5.46 2.33
CA TYR B 67 -14.41 -5.13 3.56
C TYR B 67 -15.92 -5.18 3.32
N THR B 68 -16.65 -5.44 4.40
CA THR B 68 -18.10 -5.48 4.38
C THR B 68 -18.60 -5.22 5.80
N GLU B 69 -19.83 -4.75 5.91
CA GLU B 69 -20.42 -4.64 7.22
C GLU B 69 -20.78 -6.05 7.70
N PHE B 70 -20.30 -6.42 8.89
CA PHE B 70 -21.10 -7.24 9.80
C PHE B 70 -21.49 -6.60 11.14
N THR B 71 -22.29 -7.43 11.81
CA THR B 71 -22.62 -7.39 13.23
C THR B 71 -22.14 -8.69 13.86
N PRO B 72 -21.04 -8.69 14.64
CA PRO B 72 -20.55 -9.95 15.22
C PRO B 72 -21.47 -10.47 16.31
N THR B 73 -21.41 -11.78 16.52
CA THR B 73 -22.16 -12.47 17.57
C THR B 73 -21.26 -13.50 18.22
N GLU B 74 -21.78 -14.18 19.26
CA GLU B 74 -20.98 -15.21 19.92
C GLU B 74 -20.79 -16.42 19.01
N LYS B 75 -21.80 -16.76 18.22
CA LYS B 75 -21.83 -18.05 17.51
C LYS B 75 -21.48 -17.94 16.04
N ASP B 76 -21.72 -16.81 15.38
CA ASP B 76 -21.44 -16.71 13.95
C ASP B 76 -19.95 -16.73 13.69
N GLU B 77 -19.55 -17.47 12.65
CA GLU B 77 -18.16 -17.64 12.28
C GLU B 77 -17.91 -16.87 10.99
N TYR B 78 -16.85 -16.05 10.98
CA TYR B 78 -16.50 -15.28 9.80
C TYR B 78 -15.11 -15.69 9.35
N ALA B 79 -14.87 -15.55 8.04
CA ALA B 79 -13.58 -15.94 7.49
C ALA B 79 -13.34 -15.19 6.18
N CYS B 80 -12.10 -15.30 5.71
CA CYS B 80 -11.68 -14.80 4.40
C CYS B 80 -11.09 -15.97 3.64
N ARG B 81 -11.49 -16.12 2.37
CA ARG B 81 -10.99 -17.18 1.50
C ARG B 81 -10.26 -16.54 0.33
N VAL B 82 -9.00 -16.92 0.15
CA VAL B 82 -8.11 -16.27 -0.80
C VAL B 82 -7.58 -17.30 -1.78
N ASN B 83 -7.65 -16.98 -3.08
CA ASN B 83 -6.94 -17.76 -4.08
C ASN B 83 -6.02 -16.86 -4.89
N HIS B 84 -4.90 -17.45 -5.32
CA HIS B 84 -3.82 -16.74 -6.00
C HIS B 84 -3.08 -17.81 -6.80
N VAL B 85 -2.33 -17.37 -7.83
CA VAL B 85 -1.63 -18.34 -8.67
C VAL B 85 -0.65 -19.18 -7.85
N THR B 86 -0.13 -18.63 -6.75
CA THR B 86 0.85 -19.31 -5.91
C THR B 86 0.24 -20.37 -5.01
N LEU B 87 -1.09 -20.46 -4.92
CA LEU B 87 -1.76 -21.35 -4.00
C LEU B 87 -2.34 -22.53 -4.77
N SER B 88 -1.99 -23.75 -4.35
CA SER B 88 -2.59 -24.94 -4.94
C SER B 88 -4.10 -24.93 -4.78
N GLN B 89 -4.60 -24.38 -3.67
CA GLN B 89 -6.00 -24.41 -3.34
C GLN B 89 -6.30 -23.22 -2.43
N PRO B 90 -7.55 -22.75 -2.40
CA PRO B 90 -7.86 -21.52 -1.67
C PRO B 90 -7.53 -21.64 -0.19
N LYS B 91 -6.95 -20.57 0.35
CA LYS B 91 -6.57 -20.51 1.75
C LYS B 91 -7.69 -19.80 2.51
N ILE B 92 -8.15 -20.41 3.60
CA ILE B 92 -9.16 -19.84 4.46
C ILE B 92 -8.51 -19.41 5.76
N VAL B 93 -8.73 -18.16 6.15
CA VAL B 93 -8.26 -17.64 7.44
C VAL B 93 -9.50 -17.22 8.23
N LYS B 94 -9.66 -17.78 9.41
CA LYS B 94 -10.82 -17.48 10.23
C LYS B 94 -10.64 -16.16 10.97
N TRP B 95 -11.74 -15.44 11.16
CA TRP B 95 -11.70 -14.23 11.95
C TRP B 95 -11.58 -14.59 13.42
N ASP B 96 -10.52 -14.12 14.06
CA ASP B 96 -10.31 -14.27 15.50
C ASP B 96 -10.37 -12.89 16.11
N ARG B 97 -11.36 -12.70 16.99
CA ARG B 97 -11.61 -11.44 17.67
C ARG B 97 -10.35 -10.87 18.34
N ASP B 98 -9.43 -11.75 18.73
CA ASP B 98 -8.25 -11.35 19.49
C ASP B 98 -7.05 -11.05 18.60
N MET B 99 -7.22 -11.09 17.28
CA MET B 99 -6.09 -11.03 16.34
C MET B 99 -6.24 -9.82 15.42
N ASN C 1 -0.82 16.08 -9.14
CA ASN C 1 -0.72 16.48 -10.54
C ASN C 1 0.20 15.47 -11.21
N GLN C 2 -0.27 14.72 -12.22
CA GLN C 2 0.61 13.70 -12.81
C GLN C 2 1.58 14.30 -13.81
N LYS C 3 2.64 13.55 -14.10
CA LYS C 3 3.50 13.85 -15.23
C LYS C 3 2.94 13.19 -16.48
N LEU C 4 3.17 13.82 -17.63
CA LEU C 4 2.84 13.19 -18.90
C LEU C 4 3.98 12.27 -19.31
N ILE C 5 3.69 10.98 -19.38
CA ILE C 5 4.69 9.98 -19.74
C ILE C 5 4.45 9.59 -21.19
N ALA C 6 5.37 10.03 -22.07
CA ALA C 6 5.24 9.79 -23.49
C ALA C 6 6.35 8.95 -24.08
N ASN C 7 7.44 8.72 -23.36
CA ASN C 7 8.52 7.86 -23.83
C ASN C 7 8.32 6.46 -23.27
N ALA C 8 8.00 5.55 -24.18
CA ALA C 8 7.89 4.15 -23.84
C ALA C 8 9.23 3.59 -23.37
N PHE C 9 9.15 2.46 -22.68
CA PHE C 9 10.32 1.73 -22.26
C PHE C 9 11.04 1.15 -23.47
#